data_2PIQ
#
_entry.id   2PIQ
#
_cell.length_a   56.640
_cell.length_b   66.250
_cell.length_c   71.870
_cell.angle_alpha   90.00
_cell.angle_beta   90.00
_cell.angle_gamma   90.00
#
_symmetry.space_group_name_H-M   'P 21 21 21'
#
loop_
_entity.id
_entity.type
_entity.pdbx_description
1 polymer 'Androgen receptor'
2 non-polymer 'SULFATE ION'
3 non-polymer 5-ALPHA-DIHYDROTESTOSTERONE
4 non-polymer 3-[(4-AMINO-1-TERT-BUTYL-1H-PYRAZOLO[3,4-D]PYRIMIDIN-3-YL)METHYL]PHENOL
5 water water
#
_entity_poly.entity_id   1
_entity_poly.type   'polypeptide(L)'
_entity_poly.pdbx_seq_one_letter_code
;CQPIFLNVLEAIEPGVVCAGHDNNQPDSFAALLSSLNELGERQLVHVVKWAKALPGFRNLHVDDQMAVIQYSWMGLMVFA
MGWRSFTNVNSRMLYFAPDLVFNEYRMHKSRMYSQCVRMRHLSQEFGWLQITPQEFLCMKALLLFSIIPVDGLKNQKFFD
ELRMNYIKELDRIIACKRKNPTSCSRRFYQLTKLLDSVQPIARELHQFTFDLLIKSHMVSVDFPEMMAEIISVQVPKILS
GKVKPIYFHTQ
;
_entity_poly.pdbx_strand_id   A
#
# COMPACT_ATOMS: atom_id res chain seq x y z
N GLN A 2 -4.85 10.87 21.33
CA GLN A 2 -5.68 10.09 22.29
C GLN A 2 -6.37 8.94 21.57
N PRO A 3 -6.06 7.69 21.97
CA PRO A 3 -5.12 7.32 23.03
C PRO A 3 -3.67 7.28 22.56
N ILE A 4 -2.84 6.52 23.27
CA ILE A 4 -1.42 6.39 22.95
C ILE A 4 -1.20 5.81 21.56
N PHE A 5 -2.02 4.83 21.18
CA PHE A 5 -1.88 4.20 19.87
C PHE A 5 -1.94 5.19 18.72
N LEU A 6 -2.93 6.09 18.76
CA LEU A 6 -3.09 7.10 17.72
C LEU A 6 -1.93 8.08 17.63
N ASN A 7 -1.38 8.48 18.76
CA ASN A 7 -0.27 9.42 18.77
C ASN A 7 0.92 8.88 17.99
N VAL A 8 1.18 7.59 18.14
CA VAL A 8 2.30 6.95 17.46
C VAL A 8 2.14 6.94 15.94
N LEU A 9 0.99 6.46 15.48
CA LEU A 9 0.72 6.39 14.04
C LEU A 9 0.91 7.73 13.36
N GLU A 10 0.35 8.78 13.96
CA GLU A 10 0.44 10.13 13.41
C GLU A 10 1.88 10.65 13.42
N ALA A 11 2.62 10.32 14.47
CA ALA A 11 3.99 10.77 14.63
C ALA A 11 4.97 10.03 13.72
N ILE A 12 4.68 8.77 13.40
CA ILE A 12 5.56 7.98 12.55
C ILE A 12 5.16 8.02 11.08
N GLU A 13 4.06 8.70 10.78
CA GLU A 13 3.57 8.81 9.41
C GLU A 13 4.63 9.43 8.50
N PRO A 14 5.10 8.67 7.49
CA PRO A 14 6.11 9.13 6.55
C PRO A 14 5.78 10.50 5.94
N GLY A 15 6.82 11.26 5.57
CA GLY A 15 6.61 12.56 4.98
C GLY A 15 6.53 12.51 3.46
N VAL A 16 6.52 13.67 2.84
CA VAL A 16 6.45 13.76 1.38
C VAL A 16 7.68 13.16 0.73
N VAL A 17 7.49 12.48 -0.40
CA VAL A 17 8.58 11.85 -1.12
C VAL A 17 8.46 12.11 -2.61
N CYS A 18 9.55 12.54 -3.22
CA CYS A 18 9.58 12.84 -4.65
C CYS A 18 10.21 11.68 -5.42
N ALA A 19 9.82 11.54 -6.69
CA ALA A 19 10.34 10.48 -7.53
C ALA A 19 11.53 10.96 -8.34
N GLY A 20 11.80 12.26 -8.30
CA GLY A 20 12.92 12.81 -9.04
C GLY A 20 12.72 12.71 -10.53
N HIS A 21 11.47 12.79 -10.97
CA HIS A 21 11.15 12.71 -12.39
C HIS A 21 11.52 13.99 -13.10
N ASP A 22 11.98 13.86 -14.35
CA ASP A 22 12.34 15.02 -15.14
C ASP A 22 11.17 15.46 -16.00
N ASN A 23 10.31 16.31 -15.43
CA ASN A 23 9.14 16.81 -16.13
C ASN A 23 9.49 17.74 -17.28
N ASN A 24 10.77 17.75 -17.67
CA ASN A 24 11.21 18.60 -18.77
C ASN A 24 11.26 17.77 -20.04
N GLN A 25 11.20 16.45 -19.89
CA GLN A 25 11.23 15.53 -21.01
C GLN A 25 9.83 15.01 -21.32
N PRO A 26 9.57 14.64 -22.58
CA PRO A 26 8.26 14.13 -23.00
C PRO A 26 7.86 12.87 -22.23
N ASP A 27 6.56 12.67 -22.04
CA ASP A 27 6.07 11.51 -21.33
C ASP A 27 6.21 10.23 -22.14
N SER A 28 7.25 9.46 -21.86
CA SER A 28 7.48 8.20 -22.56
C SER A 28 7.34 7.06 -21.56
N PHE A 29 6.92 5.90 -22.07
CA PHE A 29 6.74 4.72 -21.22
C PHE A 29 7.98 4.47 -20.37
N ALA A 30 9.15 4.45 -21.01
CA ALA A 30 10.40 4.21 -20.32
C ALA A 30 10.65 5.22 -19.20
N ALA A 31 10.42 6.51 -19.49
CA ALA A 31 10.64 7.56 -18.51
C ALA A 31 9.70 7.44 -17.32
N LEU A 32 8.40 7.38 -17.60
CA LEU A 32 7.39 7.28 -16.55
C LEU A 32 7.61 6.09 -15.64
N LEU A 33 7.75 4.89 -16.22
CA LEU A 33 7.95 3.69 -15.43
C LEU A 33 9.24 3.70 -14.63
N SER A 34 10.30 4.22 -15.22
CA SER A 34 11.59 4.29 -14.53
C SER A 34 11.47 5.18 -13.30
N SER A 35 10.68 6.24 -13.42
CA SER A 35 10.48 7.16 -12.31
C SER A 35 9.66 6.49 -11.20
N LEU A 36 8.66 5.72 -11.60
CA LEU A 36 7.82 5.01 -10.63
C LEU A 36 8.65 4.04 -9.81
N ASN A 37 9.53 3.29 -10.49
CA ASN A 37 10.38 2.34 -9.81
C ASN A 37 11.30 3.07 -8.83
N GLU A 38 11.78 4.23 -9.25
CA GLU A 38 12.67 5.04 -8.39
C GLU A 38 11.88 5.48 -7.17
N LEU A 39 10.63 5.87 -7.38
CA LEU A 39 9.76 6.29 -6.30
C LEU A 39 9.52 5.09 -5.40
N GLY A 40 9.40 3.92 -6.01
CA GLY A 40 9.18 2.71 -5.26
C GLY A 40 10.36 2.42 -4.36
N GLU A 41 11.56 2.53 -4.91
CA GLU A 41 12.78 2.30 -4.15
C GLU A 41 12.85 3.29 -3.00
N ARG A 42 12.59 4.56 -3.31
CA ARG A 42 12.61 5.62 -2.31
C ARG A 42 11.55 5.40 -1.25
N GLN A 43 10.31 5.16 -1.67
CA GLN A 43 9.21 4.92 -0.76
C GLN A 43 9.47 3.68 0.07
N LEU A 44 10.30 2.78 -0.44
CA LEU A 44 10.62 1.55 0.26
C LEU A 44 11.45 1.83 1.51
N VAL A 45 12.27 2.86 1.44
CA VAL A 45 13.11 3.25 2.57
C VAL A 45 12.28 3.77 3.74
N HIS A 46 11.25 4.55 3.43
CA HIS A 46 10.39 5.10 4.46
C HIS A 46 9.47 4.05 5.04
N VAL A 47 8.98 3.14 4.20
CA VAL A 47 8.08 2.08 4.66
C VAL A 47 8.77 1.21 5.70
N VAL A 48 10.07 0.95 5.49
CA VAL A 48 10.83 0.14 6.43
C VAL A 48 10.98 0.84 7.77
N LYS A 49 11.36 2.12 7.72
CA LYS A 49 11.53 2.90 8.94
C LYS A 49 10.19 3.03 9.65
N TRP A 50 9.14 3.29 8.88
CA TRP A 50 7.78 3.43 9.40
C TRP A 50 7.33 2.14 10.08
N ALA A 51 7.55 1.01 9.40
CA ALA A 51 7.15 -0.29 9.92
C ALA A 51 7.79 -0.60 11.27
N LYS A 52 9.12 -0.48 11.34
CA LYS A 52 9.85 -0.77 12.57
C LYS A 52 9.43 0.15 13.72
N ALA A 53 8.89 1.32 13.39
CA ALA A 53 8.45 2.27 14.40
C ALA A 53 7.00 2.01 14.83
N LEU A 54 6.39 0.95 14.30
CA LEU A 54 5.02 0.61 14.62
C LEU A 54 4.90 -0.08 15.97
N PRO A 55 3.86 0.26 16.75
CA PRO A 55 3.61 -0.30 18.08
C PRO A 55 3.52 -1.83 18.09
N GLY A 56 4.53 -2.47 18.66
CA GLY A 56 4.54 -3.93 18.75
C GLY A 56 5.16 -4.64 17.56
N PHE A 57 5.63 -3.89 16.58
CA PHE A 57 6.24 -4.49 15.40
C PHE A 57 7.47 -5.31 15.76
N ARG A 58 8.16 -4.89 16.82
CA ARG A 58 9.37 -5.59 17.28
C ARG A 58 9.03 -6.88 18.02
N ASN A 59 7.75 -7.24 18.03
CA ASN A 59 7.31 -8.47 18.70
C ASN A 59 7.39 -9.64 17.73
N LEU A 60 7.56 -9.32 16.44
CA LEU A 60 7.66 -10.33 15.40
C LEU A 60 9.11 -10.77 15.23
N HIS A 61 9.30 -12.01 14.82
CA HIS A 61 10.65 -12.53 14.61
C HIS A 61 11.30 -11.70 13.51
N VAL A 62 12.55 -11.31 13.72
CA VAL A 62 13.28 -10.50 12.75
C VAL A 62 13.04 -10.91 11.30
N ASP A 63 12.93 -12.21 11.05
CA ASP A 63 12.71 -12.68 9.68
C ASP A 63 11.31 -12.35 9.17
N ASP A 64 10.30 -12.52 10.03
CA ASP A 64 8.94 -12.22 9.64
C ASP A 64 8.74 -10.72 9.49
N GLN A 65 9.58 -9.94 10.17
CA GLN A 65 9.50 -8.48 10.07
C GLN A 65 9.80 -8.06 8.64
N MET A 66 10.92 -8.57 8.12
CA MET A 66 11.32 -8.26 6.75
C MET A 66 10.37 -8.90 5.75
N ALA A 67 9.84 -10.06 6.13
CA ALA A 67 8.90 -10.80 5.28
C ALA A 67 7.64 -10.01 4.99
N VAL A 68 6.89 -9.69 6.03
CA VAL A 68 5.63 -8.93 5.87
C VAL A 68 5.83 -7.64 5.08
N ILE A 69 7.02 -7.04 5.19
CA ILE A 69 7.32 -5.81 4.48
C ILE A 69 7.53 -6.08 2.99
N GLN A 70 8.23 -7.16 2.67
CA GLN A 70 8.50 -7.52 1.28
C GLN A 70 7.28 -8.06 0.55
N TYR A 71 6.22 -8.38 1.29
CA TYR A 71 5.02 -8.91 0.66
C TYR A 71 3.89 -7.89 0.56
N SER A 72 3.86 -6.93 1.49
CA SER A 72 2.79 -5.94 1.48
C SER A 72 3.22 -4.51 1.14
N TRP A 73 4.47 -4.34 0.74
CA TRP A 73 4.96 -3.00 0.41
C TRP A 73 4.13 -2.41 -0.73
N MET A 74 3.62 -3.27 -1.58
CA MET A 74 2.82 -2.85 -2.74
C MET A 74 1.46 -2.31 -2.30
N GLY A 75 0.77 -3.08 -1.47
CA GLY A 75 -0.54 -2.65 -0.99
C GLY A 75 -0.49 -1.38 -0.17
N LEU A 76 0.56 -1.25 0.65
CA LEU A 76 0.72 -0.07 1.49
C LEU A 76 0.92 1.20 0.67
N MET A 77 1.85 1.17 -0.28
CA MET A 77 2.13 2.33 -1.12
C MET A 77 0.93 2.75 -1.95
N VAL A 78 0.21 1.79 -2.50
CA VAL A 78 -0.96 2.10 -3.32
C VAL A 78 -2.04 2.75 -2.47
N PHE A 79 -2.31 2.16 -1.30
CA PHE A 79 -3.32 2.68 -0.40
C PHE A 79 -2.98 4.12 0.01
N ALA A 80 -1.71 4.35 0.34
CA ALA A 80 -1.27 5.68 0.75
C ALA A 80 -1.39 6.67 -0.40
N MET A 81 -1.06 6.21 -1.59
CA MET A 81 -1.11 7.06 -2.78
C MET A 81 -2.55 7.52 -3.03
N GLY A 82 -3.50 6.59 -2.91
CA GLY A 82 -4.89 6.93 -3.12
C GLY A 82 -5.31 8.03 -2.17
N TRP A 83 -4.83 7.94 -0.93
CA TRP A 83 -5.16 8.94 0.08
C TRP A 83 -4.62 10.31 -0.34
N ARG A 84 -3.36 10.34 -0.76
CA ARG A 84 -2.75 11.59 -1.20
C ARG A 84 -3.57 12.17 -2.34
N SER A 85 -3.83 11.35 -3.36
CA SER A 85 -4.60 11.76 -4.51
C SER A 85 -5.93 12.37 -4.06
N PHE A 86 -6.51 11.81 -3.02
CA PHE A 86 -7.78 12.29 -2.47
C PHE A 86 -7.61 13.61 -1.72
N THR A 87 -6.61 13.67 -0.85
CA THR A 87 -6.38 14.87 -0.06
C THR A 87 -5.47 15.88 -0.78
N ASN A 88 -5.40 15.78 -2.09
CA ASN A 88 -4.56 16.69 -2.88
C ASN A 88 -5.28 17.20 -4.13
N VAL A 89 -5.75 16.29 -4.96
CA VAL A 89 -6.45 16.65 -6.19
C VAL A 89 -7.85 16.04 -6.23
N ASN A 90 -8.41 15.79 -5.04
CA ASN A 90 -9.74 15.22 -4.92
C ASN A 90 -9.94 13.99 -5.82
N SER A 91 -8.89 13.18 -5.95
CA SER A 91 -8.93 11.95 -6.75
C SER A 91 -9.01 12.18 -8.26
N ARG A 92 -8.93 13.44 -8.68
CA ARG A 92 -8.99 13.75 -10.11
C ARG A 92 -7.87 13.08 -10.89
N MET A 93 -6.69 13.01 -10.27
CA MET A 93 -5.52 12.38 -10.90
C MET A 93 -4.76 11.57 -9.86
N LEU A 94 -3.90 10.67 -10.32
CA LEU A 94 -3.11 9.85 -9.42
C LEU A 94 -1.89 10.63 -8.94
N TYR A 95 -1.92 11.04 -7.67
CA TYR A 95 -0.84 11.80 -7.08
C TYR A 95 0.21 10.88 -6.46
N PHE A 96 1.00 10.23 -7.32
CA PHE A 96 2.05 9.33 -6.88
C PHE A 96 3.09 10.09 -6.07
N ALA A 97 3.43 11.28 -6.57
CA ALA A 97 4.41 12.14 -5.91
C ALA A 97 4.23 13.57 -6.41
N PRO A 98 4.70 14.56 -5.63
CA PRO A 98 4.58 15.97 -6.01
C PRO A 98 5.15 16.26 -7.39
N ASP A 99 6.18 15.53 -7.78
CA ASP A 99 6.81 15.72 -9.08
C ASP A 99 6.49 14.59 -10.04
N LEU A 100 5.37 13.90 -9.81
CA LEU A 100 4.95 12.80 -10.66
C LEU A 100 3.45 12.52 -10.53
N VAL A 101 2.64 13.40 -11.11
CA VAL A 101 1.19 13.25 -11.04
C VAL A 101 0.69 12.71 -12.38
N PHE A 102 -0.15 11.68 -12.33
CA PHE A 102 -0.70 11.06 -13.52
C PHE A 102 -2.06 11.58 -13.94
N ASN A 103 -2.11 12.16 -15.14
CA ASN A 103 -3.37 12.67 -15.69
C ASN A 103 -3.89 11.61 -16.67
N GLU A 104 -5.05 11.87 -17.26
CA GLU A 104 -5.65 10.92 -18.21
C GLU A 104 -4.63 10.45 -19.24
N TYR A 105 -3.84 11.39 -19.77
CA TYR A 105 -2.83 11.08 -20.77
C TYR A 105 -1.76 10.14 -20.23
N ARG A 106 -1.13 10.54 -19.13
CA ARG A 106 -0.09 9.74 -18.51
C ARG A 106 -0.54 8.33 -18.16
N MET A 107 -1.79 8.19 -17.72
CA MET A 107 -2.32 6.88 -17.39
C MET A 107 -2.24 5.96 -18.59
N HIS A 108 -2.49 6.50 -19.77
CA HIS A 108 -2.43 5.74 -21.01
C HIS A 108 -0.98 5.43 -21.35
N LYS A 109 -0.15 6.49 -21.37
CA LYS A 109 1.26 6.36 -21.70
C LYS A 109 1.98 5.34 -20.84
N SER A 110 1.52 5.17 -19.59
CA SER A 110 2.14 4.23 -18.67
C SER A 110 1.83 2.78 -19.04
N ARG A 111 0.95 2.59 -20.03
CA ARG A 111 0.58 1.26 -20.49
C ARG A 111 -0.08 0.44 -19.39
N MET A 112 -0.76 1.14 -18.48
CA MET A 112 -1.46 0.51 -17.37
C MET A 112 -2.64 1.38 -16.98
N TYR A 113 -3.40 1.79 -17.98
CA TYR A 113 -4.57 2.64 -17.79
C TYR A 113 -5.61 1.99 -16.88
N SER A 114 -5.97 0.75 -17.20
CA SER A 114 -6.94 0.01 -16.41
C SER A 114 -6.56 -0.07 -14.94
N GLN A 115 -5.31 -0.43 -14.66
CA GLN A 115 -4.85 -0.53 -13.28
C GLN A 115 -4.92 0.82 -12.59
N CYS A 116 -4.65 1.89 -13.35
CA CYS A 116 -4.71 3.25 -12.80
C CYS A 116 -6.16 3.60 -12.46
N VAL A 117 -7.08 3.08 -13.27
CA VAL A 117 -8.50 3.34 -13.04
C VAL A 117 -8.95 2.76 -11.71
N ARG A 118 -8.52 1.54 -11.42
CA ARG A 118 -8.87 0.89 -10.16
C ARG A 118 -8.29 1.69 -8.99
N MET A 119 -7.06 2.18 -9.18
CA MET A 119 -6.40 2.97 -8.14
C MET A 119 -7.17 4.26 -7.91
N ARG A 120 -7.57 4.92 -9.00
CA ARG A 120 -8.33 6.15 -8.91
C ARG A 120 -9.66 5.87 -8.25
N HIS A 121 -10.24 4.71 -8.58
CA HIS A 121 -11.51 4.28 -8.02
C HIS A 121 -11.32 4.15 -6.51
N LEU A 122 -10.25 3.46 -6.12
CA LEU A 122 -9.92 3.26 -4.71
C LEU A 122 -9.74 4.63 -4.05
N SER A 123 -9.11 5.54 -4.77
CA SER A 123 -8.88 6.89 -4.27
C SER A 123 -10.20 7.63 -4.05
N GLN A 124 -11.19 7.31 -4.87
CA GLN A 124 -12.51 7.93 -4.76
C GLN A 124 -13.26 7.36 -3.56
N GLU A 125 -12.90 6.15 -3.17
CA GLU A 125 -13.54 5.48 -2.04
C GLU A 125 -13.33 6.27 -0.75
N PHE A 126 -12.13 6.82 -0.59
CA PHE A 126 -11.81 7.60 0.59
C PHE A 126 -12.79 8.75 0.77
N GLY A 127 -13.26 9.29 -0.36
CA GLY A 127 -14.21 10.39 -0.30
C GLY A 127 -15.64 9.96 -0.09
N TRP A 128 -16.09 8.98 -0.87
CA TRP A 128 -17.46 8.48 -0.78
C TRP A 128 -17.78 7.95 0.61
N LEU A 129 -16.83 7.22 1.21
CA LEU A 129 -17.02 6.64 2.53
C LEU A 129 -16.73 7.63 3.65
N GLN A 130 -16.20 8.78 3.28
CA GLN A 130 -15.84 9.81 4.26
C GLN A 130 -14.83 9.28 5.28
N ILE A 131 -13.73 8.74 4.78
CA ILE A 131 -12.69 8.19 5.64
C ILE A 131 -11.97 9.30 6.37
N THR A 132 -11.67 9.08 7.65
CA THR A 132 -10.99 10.06 8.47
C THR A 132 -9.51 9.72 8.60
N PRO A 133 -8.67 10.70 8.95
CA PRO A 133 -7.23 10.47 9.10
C PRO A 133 -6.93 9.34 10.08
N GLN A 134 -7.67 9.30 11.18
CA GLN A 134 -7.49 8.26 12.19
C GLN A 134 -7.77 6.88 11.59
N GLU A 135 -8.87 6.76 10.85
CA GLU A 135 -9.24 5.50 10.24
C GLU A 135 -8.21 5.10 9.18
N PHE A 136 -7.78 6.09 8.38
CA PHE A 136 -6.80 5.85 7.33
C PHE A 136 -5.52 5.27 7.91
N LEU A 137 -4.98 5.93 8.92
CA LEU A 137 -3.74 5.50 9.56
C LEU A 137 -3.85 4.10 10.14
N CYS A 138 -4.98 3.80 10.75
CA CYS A 138 -5.18 2.49 11.35
C CYS A 138 -5.34 1.39 10.30
N MET A 139 -5.99 1.73 9.19
CA MET A 139 -6.19 0.77 8.10
C MET A 139 -4.90 0.51 7.35
N LYS A 140 -4.08 1.54 7.19
CA LYS A 140 -2.83 1.39 6.48
C LYS A 140 -1.87 0.49 7.24
N ALA A 141 -1.85 0.63 8.56
CA ALA A 141 -0.97 -0.18 9.41
C ALA A 141 -1.43 -1.63 9.34
N LEU A 142 -2.75 -1.83 9.29
CA LEU A 142 -3.34 -3.15 9.22
C LEU A 142 -3.02 -3.84 7.89
N LEU A 143 -2.68 -3.05 6.89
CA LEU A 143 -2.34 -3.59 5.57
C LEU A 143 -1.00 -4.30 5.61
N LEU A 144 -0.12 -3.83 6.50
CA LEU A 144 1.21 -4.44 6.65
C LEU A 144 1.08 -5.87 7.14
N PHE A 145 -0.01 -6.15 7.85
CA PHE A 145 -0.27 -7.48 8.39
C PHE A 145 -1.44 -8.15 7.66
N SER A 146 -1.49 -7.99 6.34
CA SER A 146 -2.57 -8.57 5.55
C SER A 146 -2.12 -9.52 4.46
N ILE A 147 -0.88 -9.96 4.50
CA ILE A 147 -0.38 -10.89 3.49
C ILE A 147 0.82 -11.70 3.99
N ILE A 148 0.64 -13.02 4.04
CA ILE A 148 1.67 -13.93 4.52
C ILE A 148 1.66 -15.23 3.72
N PRO A 149 2.71 -16.03 3.84
CA PRO A 149 2.79 -17.30 3.11
C PRO A 149 1.77 -18.31 3.64
N VAL A 150 1.24 -19.13 2.74
CA VAL A 150 0.24 -20.14 3.11
C VAL A 150 0.69 -21.04 4.27
N ASP A 151 1.96 -21.38 4.29
CA ASP A 151 2.50 -22.24 5.35
C ASP A 151 2.71 -21.51 6.67
N GLY A 152 2.50 -20.20 6.67
CA GLY A 152 2.67 -19.42 7.88
C GLY A 152 4.04 -18.75 7.98
N LEU A 153 4.23 -17.98 9.04
CA LEU A 153 5.49 -17.26 9.26
C LEU A 153 6.42 -18.03 10.19
N LYS A 154 7.62 -17.49 10.38
CA LYS A 154 8.62 -18.08 11.25
C LYS A 154 7.95 -18.40 12.59
N ASN A 155 7.31 -17.39 13.16
CA ASN A 155 6.60 -17.53 14.42
C ASN A 155 5.23 -16.91 14.23
N GLN A 156 4.30 -17.70 13.70
CA GLN A 156 2.93 -17.25 13.43
C GLN A 156 2.16 -16.72 14.62
N LYS A 157 2.46 -17.21 15.81
CA LYS A 157 1.74 -16.78 17.01
C LYS A 157 1.87 -15.29 17.29
N PHE A 158 3.07 -14.75 17.13
CA PHE A 158 3.29 -13.33 17.38
C PHE A 158 2.56 -12.47 16.35
N PHE A 159 2.44 -12.99 15.12
CA PHE A 159 1.78 -12.26 14.05
C PHE A 159 0.27 -12.20 14.22
N ASP A 160 -0.34 -13.35 14.55
CA ASP A 160 -1.78 -13.39 14.74
C ASP A 160 -2.19 -12.44 15.87
N GLU A 161 -1.49 -12.53 16.98
CA GLU A 161 -1.78 -11.67 18.13
C GLU A 161 -1.61 -10.20 17.75
N LEU A 162 -0.53 -9.91 17.03
CA LEU A 162 -0.24 -8.55 16.59
C LEU A 162 -1.31 -8.04 15.62
N ARG A 163 -1.66 -8.87 14.64
CA ARG A 163 -2.67 -8.51 13.66
C ARG A 163 -4.01 -8.25 14.35
N MET A 164 -4.32 -9.08 15.33
CA MET A 164 -5.56 -8.96 16.08
C MET A 164 -5.65 -7.64 16.84
N ASN A 165 -4.55 -7.25 17.49
CA ASN A 165 -4.51 -6.01 18.25
C ASN A 165 -4.78 -4.78 17.39
N TYR A 166 -4.26 -4.77 16.17
CA TYR A 166 -4.50 -3.65 15.28
C TYR A 166 -5.95 -3.59 14.83
N ILE A 167 -6.58 -4.75 14.73
CA ILE A 167 -7.98 -4.82 14.34
C ILE A 167 -8.80 -4.27 15.50
N LYS A 168 -8.32 -4.50 16.72
CA LYS A 168 -8.98 -4.02 17.92
C LYS A 168 -8.95 -2.49 17.93
N GLU A 169 -7.79 -1.94 17.55
CA GLU A 169 -7.62 -0.49 17.50
C GLU A 169 -8.58 0.13 16.50
N LEU A 170 -8.83 -0.58 15.41
CA LEU A 170 -9.74 -0.09 14.37
C LEU A 170 -11.15 0.02 14.95
N ASP A 171 -11.45 -0.84 15.92
CA ASP A 171 -12.75 -0.83 16.58
C ASP A 171 -12.87 0.37 17.52
N ARG A 172 -11.87 0.54 18.38
CA ARG A 172 -11.87 1.65 19.32
C ARG A 172 -11.98 2.98 18.58
N ILE A 173 -11.37 3.03 17.38
CA ILE A 173 -11.40 4.22 16.56
C ILE A 173 -12.81 4.44 16.04
N ILE A 174 -13.42 3.38 15.54
CA ILE A 174 -14.77 3.44 15.02
C ILE A 174 -15.75 3.70 16.16
N ALA A 175 -15.52 3.03 17.29
CA ALA A 175 -16.36 3.19 18.47
C ALA A 175 -16.28 4.61 19.00
N CYS A 176 -15.07 5.05 19.31
CA CYS A 176 -14.85 6.40 19.83
C CYS A 176 -15.45 7.43 18.88
N LYS A 177 -16.23 8.36 19.45
CA LYS A 177 -16.88 9.41 18.66
C LYS A 177 -17.84 8.82 17.63
N ARG A 178 -18.77 8.01 18.13
CA ARG A 178 -19.78 7.37 17.29
C ARG A 178 -20.85 6.80 18.22
N LYS A 179 -21.90 7.58 18.44
CA LYS A 179 -23.00 7.18 19.32
C LYS A 179 -24.12 6.41 18.61
N ASN A 180 -23.79 5.22 18.10
CA ASN A 180 -24.78 4.41 17.42
C ASN A 180 -24.26 2.99 17.17
N PRO A 181 -24.96 1.97 17.69
CA PRO A 181 -24.59 0.57 17.55
C PRO A 181 -24.82 -0.01 16.16
N THR A 182 -25.53 0.72 15.32
CA THR A 182 -25.82 0.25 13.96
C THR A 182 -24.77 0.74 12.97
N SER A 183 -24.44 2.03 13.04
CA SER A 183 -23.44 2.62 12.16
C SER A 183 -22.04 2.14 12.51
N CYS A 184 -21.90 1.57 13.71
CA CYS A 184 -20.62 1.07 14.16
C CYS A 184 -20.24 -0.17 13.36
N SER A 185 -21.06 -1.20 13.43
CA SER A 185 -20.81 -2.42 12.68
C SER A 185 -20.84 -2.10 11.19
N ARG A 186 -21.72 -1.19 10.82
CA ARG A 186 -21.85 -0.75 9.43
C ARG A 186 -20.52 -0.19 8.96
N ARG A 187 -19.90 0.62 9.80
CA ARG A 187 -18.62 1.23 9.49
C ARG A 187 -17.52 0.17 9.36
N PHE A 188 -17.50 -0.78 10.30
CA PHE A 188 -16.52 -1.85 10.27
C PHE A 188 -16.66 -2.62 8.96
N TYR A 189 -17.90 -2.85 8.55
CA TYR A 189 -18.18 -3.57 7.32
C TYR A 189 -17.66 -2.78 6.13
N GLN A 190 -17.89 -1.47 6.14
CA GLN A 190 -17.42 -0.60 5.06
C GLN A 190 -15.90 -0.61 4.92
N LEU A 191 -15.21 -0.38 6.03
CA LEU A 191 -13.75 -0.35 6.02
C LEU A 191 -13.13 -1.70 5.67
N THR A 192 -13.55 -2.75 6.37
CA THR A 192 -13.03 -4.09 6.09
C THR A 192 -13.18 -4.42 4.61
N LYS A 193 -14.27 -3.96 4.01
CA LYS A 193 -14.52 -4.18 2.60
C LYS A 193 -13.49 -3.41 1.77
N LEU A 194 -13.19 -2.20 2.22
CA LEU A 194 -12.23 -1.34 1.53
C LEU A 194 -10.85 -1.96 1.55
N LEU A 195 -10.41 -2.42 2.72
CA LEU A 195 -9.09 -3.05 2.87
C LEU A 195 -8.93 -4.23 1.91
N ASP A 196 -10.02 -4.95 1.69
CA ASP A 196 -9.98 -6.11 0.79
C ASP A 196 -9.80 -5.70 -0.67
N SER A 197 -10.43 -4.61 -1.07
CA SER A 197 -10.34 -4.13 -2.44
C SER A 197 -8.91 -3.79 -2.85
N VAL A 198 -8.08 -3.51 -1.85
CA VAL A 198 -6.68 -3.17 -2.10
C VAL A 198 -5.88 -4.36 -2.63
N GLN A 199 -6.17 -5.55 -2.11
CA GLN A 199 -5.45 -6.74 -2.53
C GLN A 199 -5.54 -7.03 -4.03
N PRO A 200 -6.76 -7.09 -4.59
CA PRO A 200 -6.89 -7.35 -6.03
C PRO A 200 -6.09 -6.37 -6.86
N ILE A 201 -6.07 -5.10 -6.42
CA ILE A 201 -5.33 -4.05 -7.12
C ILE A 201 -3.84 -4.31 -7.07
N ALA A 202 -3.33 -4.63 -5.88
CA ALA A 202 -1.91 -4.89 -5.69
C ALA A 202 -1.49 -6.11 -6.50
N ARG A 203 -2.41 -7.05 -6.66
CA ARG A 203 -2.15 -8.28 -7.41
C ARG A 203 -1.83 -7.96 -8.87
N GLU A 204 -2.62 -7.06 -9.46
CA GLU A 204 -2.42 -6.68 -10.86
C GLU A 204 -1.13 -5.90 -11.02
N LEU A 205 -0.78 -5.10 -10.02
CA LEU A 205 0.45 -4.33 -10.07
C LEU A 205 1.64 -5.25 -9.92
N HIS A 206 1.47 -6.32 -9.14
CA HIS A 206 2.52 -7.30 -8.93
C HIS A 206 2.86 -7.98 -10.24
N GLN A 207 1.83 -8.48 -10.91
CA GLN A 207 2.01 -9.16 -12.19
C GLN A 207 2.58 -8.20 -13.24
N PHE A 208 2.12 -6.96 -13.23
CA PHE A 208 2.57 -5.97 -14.18
C PHE A 208 4.04 -5.61 -13.99
N THR A 209 4.44 -5.38 -12.74
CA THR A 209 5.83 -5.03 -12.45
C THR A 209 6.73 -6.24 -12.75
N PHE A 210 6.22 -7.43 -12.48
CA PHE A 210 6.96 -8.66 -12.72
C PHE A 210 7.34 -8.77 -14.20
N ASP A 211 6.33 -8.72 -15.06
CA ASP A 211 6.55 -8.81 -16.50
C ASP A 211 7.50 -7.73 -16.98
N LEU A 212 7.30 -6.52 -16.49
CA LEU A 212 8.15 -5.40 -16.89
C LEU A 212 9.62 -5.70 -16.57
N LEU A 213 9.86 -6.26 -15.38
CA LEU A 213 11.21 -6.60 -14.97
C LEU A 213 11.81 -7.60 -15.94
N ILE A 214 11.06 -8.64 -16.26
CA ILE A 214 11.52 -9.67 -17.17
C ILE A 214 11.99 -9.06 -18.49
N LYS A 215 11.16 -8.18 -19.06
CA LYS A 215 11.47 -7.52 -20.32
C LYS A 215 11.82 -6.06 -20.08
N SER A 216 12.64 -5.81 -19.07
CA SER A 216 13.04 -4.46 -18.71
C SER A 216 14.11 -3.87 -19.63
N HIS A 217 15.02 -4.71 -20.10
CA HIS A 217 16.09 -4.26 -20.99
C HIS A 217 15.59 -3.84 -22.37
N MET A 218 14.59 -4.54 -22.87
CA MET A 218 14.03 -4.24 -24.19
C MET A 218 13.25 -2.92 -24.20
N VAL A 219 12.35 -2.76 -23.24
CA VAL A 219 11.53 -1.55 -23.14
C VAL A 219 12.28 -0.41 -22.46
N SER A 220 13.58 -0.62 -22.22
CA SER A 220 14.41 0.38 -21.57
C SER A 220 13.80 0.96 -20.30
N VAL A 221 13.52 0.08 -19.34
CA VAL A 221 12.95 0.50 -18.06
C VAL A 221 13.91 0.08 -16.96
N ASP A 222 14.38 1.05 -16.19
CA ASP A 222 15.33 0.80 -15.10
C ASP A 222 14.67 0.40 -13.79
N PHE A 223 15.23 -0.65 -13.18
CA PHE A 223 14.74 -1.15 -11.90
C PHE A 223 15.84 -1.05 -10.85
N PRO A 224 15.64 -0.18 -9.83
CA PRO A 224 16.63 0.00 -8.77
C PRO A 224 17.06 -1.33 -8.14
N GLU A 225 18.18 -1.30 -7.43
CA GLU A 225 18.73 -2.48 -6.78
C GLU A 225 17.70 -3.27 -5.97
N MET A 226 17.23 -2.67 -4.87
CA MET A 226 16.27 -3.32 -3.99
C MET A 226 14.94 -3.67 -4.66
N MET A 227 14.53 -2.86 -5.63
CA MET A 227 13.28 -3.11 -6.34
C MET A 227 13.41 -4.38 -7.19
N ALA A 228 14.49 -4.47 -7.95
CA ALA A 228 14.74 -5.60 -8.80
C ALA A 228 14.86 -6.92 -8.06
N GLU A 229 15.34 -6.87 -6.81
CA GLU A 229 15.49 -8.09 -6.02
C GLU A 229 14.18 -8.53 -5.39
N ILE A 230 13.46 -7.59 -4.82
CA ILE A 230 12.18 -7.88 -4.17
C ILE A 230 11.15 -8.39 -5.18
N ILE A 231 11.16 -7.80 -6.37
CA ILE A 231 10.23 -8.17 -7.42
C ILE A 231 10.60 -9.49 -8.12
N SER A 232 11.87 -9.86 -8.06
CA SER A 232 12.34 -11.09 -8.69
C SER A 232 12.52 -12.23 -7.70
N VAL A 233 12.36 -11.94 -6.40
CA VAL A 233 12.52 -12.96 -5.38
C VAL A 233 11.29 -13.13 -4.50
N GLN A 234 10.73 -12.02 -4.04
CA GLN A 234 9.57 -12.05 -3.16
C GLN A 234 8.26 -12.11 -3.95
N VAL A 235 8.04 -11.14 -4.83
CA VAL A 235 6.83 -11.08 -5.63
C VAL A 235 6.47 -12.43 -6.27
N PRO A 236 7.45 -13.12 -6.87
CA PRO A 236 7.17 -14.43 -7.50
C PRO A 236 6.45 -15.42 -6.60
N LYS A 237 6.68 -15.32 -5.30
CA LYS A 237 6.04 -16.22 -4.33
C LYS A 237 4.55 -15.92 -4.23
N ILE A 238 4.19 -14.66 -4.43
CA ILE A 238 2.78 -14.25 -4.38
C ILE A 238 2.04 -14.72 -5.61
N LEU A 239 2.64 -14.47 -6.77
CA LEU A 239 2.03 -14.84 -8.05
C LEU A 239 2.08 -16.35 -8.29
N SER A 240 2.78 -17.08 -7.43
CA SER A 240 2.90 -18.51 -7.56
C SER A 240 1.97 -19.25 -6.59
N GLY A 241 1.32 -18.49 -5.71
CA GLY A 241 0.41 -19.10 -4.75
C GLY A 241 1.04 -19.40 -3.42
N LYS A 242 2.34 -19.15 -3.28
CA LYS A 242 3.03 -19.40 -2.01
C LYS A 242 2.61 -18.39 -0.95
N VAL A 243 2.46 -17.14 -1.36
CA VAL A 243 2.05 -16.08 -0.45
C VAL A 243 0.73 -15.49 -0.92
N LYS A 244 -0.29 -15.58 -0.08
CA LYS A 244 -1.61 -15.07 -0.42
C LYS A 244 -2.08 -14.06 0.63
N PRO A 245 -2.84 -13.04 0.20
CA PRO A 245 -3.36 -12.00 1.10
C PRO A 245 -4.44 -12.53 2.02
N ILE A 246 -4.64 -11.83 3.14
CA ILE A 246 -5.64 -12.21 4.12
C ILE A 246 -6.89 -11.36 3.97
N TYR A 247 -7.96 -11.96 3.44
CA TYR A 247 -9.21 -11.24 3.25
C TYR A 247 -10.13 -11.36 4.46
N PHE A 248 -10.93 -10.33 4.71
CA PHE A 248 -11.87 -10.34 5.82
C PHE A 248 -13.13 -11.07 5.35
N HIS A 249 -13.59 -10.71 4.15
CA HIS A 249 -14.80 -11.29 3.56
C HIS A 249 -14.44 -12.26 2.45
N THR A 250 -15.38 -13.12 2.11
CA THR A 250 -15.18 -14.10 1.03
C THR A 250 -15.44 -13.47 -0.33
#